data_5YVM
#
_entry.id   5YVM
#
_cell.length_a   57.190
_cell.length_b   103.720
_cell.length_c   128.510
_cell.angle_alpha   90.000
_cell.angle_beta   90.000
_cell.angle_gamma   90.000
#
_symmetry.space_group_name_H-M   'C 2 2 21'
#
loop_
_entity.id
_entity.type
_entity.pdbx_description
1 polymer 'alcohol dehydrogenase'
2 non-polymer 'MANGANESE (II) ION'
3 non-polymer 5,6-DIHYDROXY-NADP
4 water water
#
_entity_poly.entity_id   1
_entity_poly.type   'polypeptide(L)'
_entity_poly.pdbx_seq_one_letter_code
;MHHHHHHMRMEFRHNLPSSDIIFGSGTLEKIGEETKKWGDKAILVTGKSNMKKLGFLADAIDYLESAGVETVHYGEIEPN
PTTTVVDEGAEIVLEEGCDVVVALGGGSSMDAAKGIAMVAGHSAEERDISVWDFAPEGDKETKPITEKTLPVIAATSTSG
TGSHVTPYAVITNPETKGKPGFGNKHSFPKVSIVDIDILKEMPPRLTAITGYDVFSHVSENLTAKGDHPTADPLAIRAIE
YVTEYLLRAVEDGEDIKAREKMAVADTYAGLSNTISGTTLRHAMAHPISGYYPDISHGQALASISVPIMEHNIENGDEKT
WERYSRIAVALDASKPVDNTRQAASKAVDGLKNLLRSLDLDKPLSELGVEEEKIPEMTEGAFIYMGGGIEANPVDVSKED
VKEIFRKSL
;
_entity_poly.pdbx_strand_id   A
#
loop_
_chem_comp.id
_chem_comp.type
_chem_comp.name
_chem_comp.formula
MN non-polymer 'MANGANESE (II) ION' 'Mn 2'
NZQ non-polymer 5,6-DIHYDROXY-NADP 'C21 H32 N7 O19 P3'
#
# COMPACT_ATOMS: atom_id res chain seq x y z
N HIS A 7 6.48 -21.30 -29.21
CA HIS A 7 6.73 -20.48 -28.02
C HIS A 7 5.64 -19.39 -27.80
N MET A 8 5.24 -19.21 -26.54
CA MET A 8 4.26 -18.19 -26.17
C MET A 8 4.86 -16.80 -26.25
N ARG A 9 4.38 -15.98 -27.19
CA ARG A 9 4.89 -14.61 -27.32
C ARG A 9 4.61 -13.82 -26.05
N MET A 10 5.56 -12.97 -25.69
CA MET A 10 5.44 -12.13 -24.52
C MET A 10 4.97 -10.74 -24.98
N GLU A 11 3.97 -10.21 -24.30
CA GLU A 11 3.42 -8.91 -24.64
C GLU A 11 2.99 -8.19 -23.37
N PHE A 12 3.41 -6.94 -23.23
CA PHE A 12 3.02 -6.16 -22.08
C PHE A 12 3.13 -4.67 -22.40
N ARG A 13 2.45 -3.88 -21.57
CA ARG A 13 2.67 -2.44 -21.55
C ARG A 13 3.10 -2.07 -20.15
N HIS A 14 4.26 -1.44 -20.05
CA HIS A 14 4.81 -0.96 -18.79
C HIS A 14 4.53 0.54 -18.68
N ASN A 15 3.92 0.94 -17.56
CA ASN A 15 3.66 2.35 -17.32
C ASN A 15 4.14 2.67 -15.91
N LEU A 16 5.07 3.59 -15.82
CA LEU A 16 5.62 3.97 -14.54
C LEU A 16 5.83 5.47 -14.55
N PRO A 17 5.14 6.22 -13.70
CA PRO A 17 5.30 7.68 -13.69
C PRO A 17 6.68 8.04 -13.18
N SER A 18 7.10 9.27 -13.51
CA SER A 18 8.38 9.81 -13.04
C SER A 18 8.52 9.65 -11.52
N SER A 19 9.70 9.20 -11.08
CA SER A 19 9.97 9.01 -9.67
C SER A 19 11.28 9.71 -9.32
N ASP A 20 11.32 10.24 -8.08
CA ASP A 20 12.41 11.05 -7.55
C ASP A 20 12.47 10.66 -6.08
N ILE A 21 13.47 9.85 -5.70
CA ILE A 21 13.50 9.23 -4.37
C ILE A 21 14.74 9.71 -3.67
N ILE A 22 14.55 10.28 -2.49
CA ILE A 22 15.63 10.77 -1.65
C ILE A 22 15.68 9.81 -0.48
N PHE A 23 16.70 8.97 -0.46
CA PHE A 23 16.83 7.90 0.50
C PHE A 23 18.04 8.17 1.39
N GLY A 24 17.87 8.00 2.68
CA GLY A 24 18.98 8.12 3.60
C GLY A 24 18.44 8.48 4.97
N SER A 25 19.34 8.68 5.90
CA SER A 25 18.94 9.08 7.23
C SER A 25 19.17 10.57 7.39
N GLY A 26 18.17 11.26 7.93
CA GLY A 26 18.19 12.69 7.97
C GLY A 26 17.71 13.37 6.70
N THR A 27 17.15 12.61 5.75
CA THR A 27 16.69 13.23 4.52
C THR A 27 15.39 14.00 4.71
N LEU A 28 14.76 13.94 5.88
CA LEU A 28 13.68 14.87 6.16
C LEU A 28 14.12 16.31 5.98
N GLU A 29 15.44 16.60 6.13
CA GLU A 29 15.98 17.95 5.95
C GLU A 29 15.67 18.50 4.56
N LYS A 30 15.44 17.61 3.60
CA LYS A 30 15.20 18.04 2.24
C LYS A 30 13.74 18.38 1.97
N ILE A 31 12.83 18.05 2.87
CA ILE A 31 11.41 18.16 2.58
C ILE A 31 11.00 19.60 2.27
N GLY A 32 11.69 20.59 2.84
CA GLY A 32 11.36 21.97 2.59
C GLY A 32 11.77 22.45 1.22
N GLU A 33 13.05 22.27 0.88
CA GLU A 33 13.50 22.72 -0.43
C GLU A 33 12.74 22.05 -1.56
N GLU A 34 12.46 20.75 -1.41
CA GLU A 34 11.76 20.04 -2.48
C GLU A 34 10.30 20.48 -2.58
N THR A 35 9.63 20.67 -1.45
CA THR A 35 8.26 21.16 -1.50
C THR A 35 8.20 22.53 -2.17
N LYS A 36 9.16 23.40 -1.89
CA LYS A 36 9.12 24.75 -2.46
C LYS A 36 9.19 24.74 -3.98
N LYS A 37 9.90 23.77 -4.54
CA LYS A 37 9.90 23.63 -5.99
C LYS A 37 8.49 23.47 -6.54
N TRP A 38 7.56 22.98 -5.72
CA TRP A 38 6.22 22.66 -6.18
C TRP A 38 5.13 23.58 -5.65
N GLY A 39 5.39 24.35 -4.61
CA GLY A 39 4.41 25.32 -4.14
C GLY A 39 4.98 26.19 -3.04
N ASP A 40 4.25 27.27 -2.77
CA ASP A 40 4.61 28.24 -1.75
C ASP A 40 3.83 28.07 -0.46
N LYS A 41 2.81 27.22 -0.43
CA LYS A 41 1.96 27.10 0.74
C LYS A 41 1.48 25.67 0.84
N ALA A 42 2.09 24.90 1.72
CA ALA A 42 1.77 23.48 1.84
C ALA A 42 0.72 23.25 2.90
N ILE A 43 -0.08 22.21 2.69
CA ILE A 43 -0.78 21.54 3.76
C ILE A 43 0.06 20.31 4.12
N LEU A 44 0.32 20.12 5.41
CA LEU A 44 1.10 18.99 5.89
C LEU A 44 0.16 17.96 6.50
N VAL A 45 0.07 16.79 5.86
CA VAL A 45 -0.93 15.78 6.17
C VAL A 45 -0.26 14.69 7.01
N THR A 46 -0.65 14.55 8.27
CA THR A 46 -0.04 13.59 9.18
C THR A 46 -1.09 12.87 10.01
N GLY A 47 -0.64 11.84 10.71
CA GLY A 47 -1.45 11.23 11.73
C GLY A 47 -1.59 12.17 12.93
N LYS A 48 -2.13 11.62 14.00
CA LYS A 48 -2.56 12.44 15.12
C LYS A 48 -1.54 12.56 16.23
N SER A 49 -0.50 11.72 16.26
CA SER A 49 0.26 11.72 17.50
C SER A 49 1.71 11.28 17.36
N ASN A 50 2.00 10.34 16.45
CA ASN A 50 3.30 9.70 16.51
C ASN A 50 4.39 10.58 15.89
N MET A 51 4.15 11.15 14.72
CA MET A 51 5.12 12.11 14.20
C MET A 51 5.29 13.30 15.14
N LYS A 52 4.21 13.73 15.80
CA LYS A 52 4.33 14.77 16.80
C LYS A 52 5.23 14.32 17.95
N LYS A 53 4.85 13.22 18.60
CA LYS A 53 5.60 12.68 19.73
C LYS A 53 7.09 12.49 19.40
N LEU A 54 7.40 11.92 18.24
CA LEU A 54 8.81 11.66 17.99
C LEU A 54 9.55 12.89 17.46
N GLY A 55 8.86 14.03 17.36
CA GLY A 55 9.48 15.30 17.00
C GLY A 55 9.70 15.53 15.52
N PHE A 56 9.42 14.54 14.65
CA PHE A 56 9.63 14.77 13.22
C PHE A 56 8.63 15.78 12.67
N LEU A 57 7.45 15.88 13.28
CA LEU A 57 6.47 16.88 12.87
C LEU A 57 7.05 18.29 13.01
N ALA A 58 7.56 18.61 14.20
CA ALA A 58 8.22 19.90 14.41
C ALA A 58 9.35 20.12 13.41
N ASP A 59 10.18 19.10 13.18
CA ASP A 59 11.26 19.23 12.20
C ASP A 59 10.71 19.59 10.82
N ALA A 60 9.71 18.83 10.37
CA ALA A 60 9.16 19.05 9.03
C ALA A 60 8.62 20.47 8.88
N ILE A 61 7.86 20.93 9.88
CA ILE A 61 7.38 22.31 9.88
C ILE A 61 8.57 23.27 9.83
N ASP A 62 9.61 22.99 10.61
CA ASP A 62 10.78 23.86 10.62
C ASP A 62 11.46 23.88 9.24
N TYR A 63 11.68 22.71 8.65
CA TYR A 63 12.32 22.66 7.34
C TYR A 63 11.47 23.36 6.28
N LEU A 64 10.16 23.11 6.27
CA LEU A 64 9.28 23.74 5.28
C LEU A 64 9.29 25.26 5.44
N GLU A 65 9.18 25.76 6.68
CA GLU A 65 9.13 27.19 6.86
C GLU A 65 10.53 27.81 6.73
N SER A 66 11.57 27.13 7.24
CA SER A 66 12.93 27.62 7.01
C SER A 66 13.25 27.65 5.53
N ALA A 67 12.71 26.69 4.76
CA ALA A 67 12.71 26.84 3.32
C ALA A 67 12.03 28.16 2.97
N GLY A 68 10.86 28.39 3.53
CA GLY A 68 10.00 29.46 3.08
C GLY A 68 8.73 28.92 2.45
N VAL A 69 8.26 27.77 2.94
CA VAL A 69 6.95 27.24 2.58
C VAL A 69 6.02 27.46 3.77
N GLU A 70 5.04 28.33 3.60
CA GLU A 70 3.99 28.50 4.59
C GLU A 70 3.20 27.20 4.73
N THR A 71 2.96 26.76 5.96
CA THR A 71 2.46 25.41 6.20
C THR A 71 1.25 25.40 7.13
N VAL A 72 0.16 24.79 6.67
CA VAL A 72 -1.02 24.50 7.48
C VAL A 72 -1.01 23.01 7.83
N HIS A 73 -0.92 22.70 9.12
CA HIS A 73 -0.88 21.31 9.58
C HIS A 73 -2.28 20.71 9.62
N TYR A 74 -2.44 19.55 9.00
CA TYR A 74 -3.68 18.78 9.08
C TYR A 74 -3.30 17.45 9.73
N GLY A 75 -3.37 17.38 11.06
CA GLY A 75 -2.95 16.21 11.79
C GLY A 75 -4.11 15.35 12.20
N GLU A 76 -4.97 14.97 11.24
CA GLU A 76 -6.26 14.34 11.54
C GLU A 76 -6.40 12.95 10.94
N ILE A 77 -5.38 12.42 10.31
CA ILE A 77 -5.49 11.15 9.61
C ILE A 77 -5.40 10.00 10.60
N GLU A 78 -6.45 9.18 10.67
CA GLU A 78 -6.45 7.95 11.41
C GLU A 78 -6.21 6.78 10.46
N PRO A 79 -5.66 5.67 10.95
CA PRO A 79 -5.37 4.52 10.07
C PRO A 79 -6.60 4.10 9.29
N ASN A 80 -6.42 3.75 8.03
CA ASN A 80 -7.50 3.45 7.09
C ASN A 80 -8.29 4.74 6.89
N PRO A 81 -7.71 5.72 6.21
CA PRO A 81 -8.40 7.00 6.03
C PRO A 81 -9.74 6.84 5.34
N THR A 82 -10.65 7.72 5.73
CA THR A 82 -12.04 7.77 5.26
C THR A 82 -12.22 8.91 4.25
N THR A 83 -13.37 8.89 3.57
CA THR A 83 -13.71 9.97 2.65
C THR A 83 -13.91 11.30 3.38
N THR A 84 -14.57 11.28 4.54
CA THR A 84 -14.80 12.52 5.27
C THR A 84 -13.49 13.18 5.68
N VAL A 85 -12.50 12.39 6.12
CA VAL A 85 -11.22 13.00 6.50
C VAL A 85 -10.53 13.60 5.27
N VAL A 86 -10.58 12.94 4.12
CA VAL A 86 -10.02 13.50 2.90
C VAL A 86 -10.80 14.75 2.48
N ASP A 87 -12.11 14.65 2.40
CA ASP A 87 -12.88 15.79 1.89
C ASP A 87 -12.77 16.99 2.82
N GLU A 88 -12.67 16.76 4.13
CA GLU A 88 -12.44 17.87 5.06
C GLU A 88 -11.06 18.48 4.89
N GLY A 89 -10.04 17.63 4.68
CA GLY A 89 -8.72 18.14 4.39
C GLY A 89 -8.67 19.02 3.15
N ALA A 90 -9.39 18.62 2.08
CA ALA A 90 -9.44 19.41 0.86
C ALA A 90 -10.10 20.78 1.09
N GLU A 91 -11.12 20.84 1.95
CA GLU A 91 -11.76 22.13 2.26
C GLU A 91 -10.75 23.09 2.89
N ILE A 92 -9.91 22.56 3.80
CA ILE A 92 -8.84 23.38 4.38
C ILE A 92 -7.87 23.83 3.30
N VAL A 93 -7.58 22.97 2.32
CA VAL A 93 -6.72 23.39 1.22
C VAL A 93 -7.36 24.55 0.48
N LEU A 94 -8.66 24.44 0.19
CA LEU A 94 -9.33 25.44 -0.61
C LEU A 94 -9.57 26.71 0.19
N GLU A 95 -9.84 26.57 1.49
CA GLU A 95 -10.00 27.75 2.34
C GLU A 95 -8.70 28.50 2.49
N GLU A 96 -7.57 27.80 2.64
CA GLU A 96 -6.33 28.51 2.89
C GLU A 96 -5.53 28.79 1.63
N GLY A 97 -5.97 28.33 0.46
CA GLY A 97 -5.20 28.51 -0.76
C GLY A 97 -3.88 27.77 -0.77
N CYS A 98 -3.82 26.56 -0.23
CA CYS A 98 -2.61 25.73 -0.32
C CYS A 98 -2.44 25.22 -1.74
N ASP A 99 -1.18 25.10 -2.17
CA ASP A 99 -0.87 24.74 -3.55
C ASP A 99 -0.03 23.47 -3.68
N VAL A 100 0.38 22.86 -2.58
CA VAL A 100 1.13 21.62 -2.59
C VAL A 100 0.75 20.83 -1.33
N VAL A 101 0.56 19.54 -1.50
CA VAL A 101 0.18 18.65 -0.42
C VAL A 101 1.40 17.87 0.03
N VAL A 102 1.74 17.95 1.30
CA VAL A 102 2.92 17.26 1.83
C VAL A 102 2.45 16.21 2.82
N ALA A 103 2.96 14.99 2.69
CA ALA A 103 2.59 13.91 3.60
C ALA A 103 3.81 13.47 4.40
N LEU A 104 3.60 13.29 5.70
CA LEU A 104 4.60 12.77 6.64
C LEU A 104 3.86 11.74 7.50
N GLY A 105 4.09 10.45 7.22
CA GLY A 105 3.28 9.41 7.82
C GLY A 105 3.30 8.16 6.97
N GLY A 106 2.49 7.18 7.40
CA GLY A 106 2.40 5.89 6.75
C GLY A 106 1.49 5.95 5.55
N GLY A 107 1.11 4.76 5.07
CA GLY A 107 0.19 4.72 3.94
C GLY A 107 -1.06 5.52 4.19
N SER A 108 -1.55 5.53 5.42
CA SER A 108 -2.82 6.22 5.66
C SER A 108 -2.68 7.72 5.41
N SER A 109 -1.53 8.32 5.78
CA SER A 109 -1.34 9.75 5.56
C SER A 109 -1.05 10.06 4.09
N MET A 110 -0.22 9.22 3.46
CA MET A 110 0.12 9.48 2.07
C MET A 110 -1.09 9.30 1.18
N ASP A 111 -1.96 8.33 1.49
CA ASP A 111 -3.15 8.14 0.69
C ASP A 111 -4.15 9.27 0.92
N ALA A 112 -4.32 9.69 2.19
CA ALA A 112 -5.17 10.85 2.44
C ALA A 112 -4.63 12.07 1.70
N ALA A 113 -3.30 12.24 1.69
CA ALA A 113 -2.68 13.36 0.99
C ALA A 113 -2.99 13.33 -0.51
N LYS A 114 -2.82 12.17 -1.16
CA LYS A 114 -3.16 12.09 -2.58
C LYS A 114 -4.63 12.39 -2.81
N GLY A 115 -5.51 11.92 -1.92
CA GLY A 115 -6.93 12.19 -2.08
C GLY A 115 -7.26 13.66 -1.94
N ILE A 116 -6.63 14.33 -0.97
CA ILE A 116 -6.79 15.76 -0.80
C ILE A 116 -6.31 16.50 -2.05
N ALA A 117 -5.16 16.08 -2.59
CA ALA A 117 -4.66 16.66 -3.85
C ALA A 117 -5.69 16.54 -4.96
N MET A 118 -6.35 15.38 -5.06
CA MET A 118 -7.33 15.17 -6.12
C MET A 118 -8.57 16.05 -5.95
N VAL A 119 -9.25 15.94 -4.81
CA VAL A 119 -10.45 16.73 -4.60
C VAL A 119 -10.15 18.20 -4.77
N ALA A 120 -9.06 18.67 -4.16
CA ALA A 120 -8.84 20.11 -4.10
C ALA A 120 -8.44 20.66 -5.46
N GLY A 121 -7.72 19.88 -6.28
CA GLY A 121 -7.34 20.37 -7.59
C GLY A 121 -8.49 20.40 -8.58
N HIS A 122 -9.48 19.54 -8.40
CA HIS A 122 -10.62 19.48 -9.32
C HIS A 122 -11.83 20.23 -8.79
N SER A 123 -11.72 20.91 -7.67
CA SER A 123 -12.88 21.61 -7.11
C SER A 123 -13.06 22.99 -7.73
N ALA A 124 -14.24 23.56 -7.49
CA ALA A 124 -14.48 24.98 -7.70
C ALA A 124 -13.86 25.76 -6.54
N GLU A 125 -14.57 26.77 -6.05
CA GLU A 125 -14.02 27.62 -5.00
C GLU A 125 -14.18 27.00 -3.62
N GLU A 126 -15.33 26.38 -3.35
CA GLU A 126 -15.70 25.91 -2.02
C GLU A 126 -15.74 24.39 -1.91
N ARG A 127 -15.72 23.69 -3.05
CA ARG A 127 -15.97 22.26 -3.29
C ARG A 127 -17.27 22.12 -4.07
N ASP A 128 -17.61 20.88 -4.42
CA ASP A 128 -18.77 20.45 -5.19
C ASP A 128 -18.46 19.03 -5.67
N ILE A 129 -17.50 18.40 -5.00
CA ILE A 129 -16.97 17.11 -5.42
C ILE A 129 -16.41 16.41 -4.19
N SER A 130 -16.49 15.08 -4.21
CA SER A 130 -15.97 14.25 -3.13
C SER A 130 -14.90 13.32 -3.69
N VAL A 131 -14.03 12.84 -2.80
CA VAL A 131 -13.03 11.88 -3.23
C VAL A 131 -13.71 10.61 -3.72
N TRP A 132 -14.92 10.33 -3.25
CA TRP A 132 -15.62 9.14 -3.70
C TRP A 132 -15.98 9.20 -5.18
N ASP A 133 -16.07 10.40 -5.75
CA ASP A 133 -16.33 10.52 -7.18
C ASP A 133 -15.22 9.93 -8.03
N PHE A 134 -14.00 9.88 -7.50
CA PHE A 134 -12.86 9.26 -8.19
C PHE A 134 -12.73 7.76 -7.96
N ALA A 135 -13.46 7.22 -7.09
CA ALA A 135 -13.27 5.89 -6.55
C ALA A 135 -14.09 4.87 -7.33
N PRO A 136 -13.45 3.76 -7.71
CA PRO A 136 -14.19 2.69 -8.39
C PRO A 136 -15.34 2.22 -7.53
N GLU A 137 -16.46 1.92 -8.18
CA GLU A 137 -17.60 1.42 -7.46
C GLU A 137 -18.43 0.62 -8.46
N GLY A 138 -18.03 -0.63 -8.69
CA GLY A 138 -18.70 -1.37 -9.75
C GLY A 138 -18.49 -0.68 -11.07
N ASP A 139 -19.54 -0.64 -11.90
CA ASP A 139 -19.47 0.01 -13.19
C ASP A 139 -19.81 1.49 -13.15
N LYS A 140 -19.91 2.08 -11.95
CA LYS A 140 -20.05 3.52 -11.85
C LYS A 140 -18.92 4.22 -12.58
N GLU A 141 -19.28 5.12 -13.49
CA GLU A 141 -18.27 5.89 -14.21
C GLU A 141 -17.53 6.81 -13.25
N THR A 142 -16.25 6.56 -13.03
CA THR A 142 -15.52 7.36 -12.06
C THR A 142 -15.13 8.70 -12.67
N LYS A 143 -15.01 9.69 -11.82
CA LYS A 143 -14.55 11.00 -12.28
C LYS A 143 -13.07 10.91 -12.65
N PRO A 144 -12.67 11.37 -13.83
CA PRO A 144 -11.27 11.22 -14.24
C PRO A 144 -10.33 12.00 -13.32
N ILE A 145 -9.19 11.37 -13.00
CA ILE A 145 -8.13 12.00 -12.22
C ILE A 145 -7.14 12.61 -13.20
N THR A 146 -7.04 13.93 -13.21
CA THR A 146 -6.31 14.68 -14.22
C THR A 146 -5.11 15.38 -13.59
N GLU A 147 -4.35 16.08 -14.44
CA GLU A 147 -3.20 16.87 -14.01
C GLU A 147 -3.60 18.02 -13.08
N LYS A 148 -4.89 18.34 -12.98
CA LYS A 148 -5.32 19.31 -11.99
C LYS A 148 -4.97 18.85 -10.58
N THR A 149 -4.74 17.55 -10.37
CA THR A 149 -4.34 17.05 -9.07
C THR A 149 -3.16 17.86 -8.54
N LEU A 150 -3.28 18.30 -7.30
CA LEU A 150 -2.22 19.09 -6.70
C LEU A 150 -0.96 18.25 -6.55
N PRO A 151 0.22 18.87 -6.64
CA PRO A 151 1.45 18.10 -6.43
C PRO A 151 1.50 17.57 -5.01
N VAL A 152 2.09 16.40 -4.87
CA VAL A 152 2.18 15.69 -3.60
C VAL A 152 3.66 15.42 -3.31
N ILE A 153 4.11 15.83 -2.13
CA ILE A 153 5.41 15.43 -1.59
C ILE A 153 5.13 14.39 -0.49
N ALA A 154 5.79 13.24 -0.56
CA ALA A 154 5.55 12.14 0.38
C ALA A 154 6.83 11.79 1.13
N ALA A 155 6.81 11.96 2.46
CA ALA A 155 7.86 11.46 3.34
C ALA A 155 7.29 10.28 4.11
N THR A 156 7.72 9.07 3.78
CA THR A 156 7.13 7.92 4.43
C THR A 156 7.72 7.66 5.81
N SER A 157 6.87 7.16 6.70
CA SER A 157 7.29 6.77 8.03
C SER A 157 7.04 5.29 8.29
N THR A 158 6.66 4.51 7.28
CA THR A 158 6.57 3.07 7.47
C THR A 158 7.24 2.37 6.30
N SER A 159 7.80 1.20 6.60
CA SER A 159 8.40 0.36 5.57
C SER A 159 7.39 -0.72 5.24
N GLY A 160 6.36 -0.27 4.55
CA GLY A 160 5.14 -1.02 4.45
C GLY A 160 4.34 -0.84 3.20
N THR A 161 3.84 0.37 2.90
CA THR A 161 2.80 0.43 1.87
C THR A 161 3.31 0.71 0.46
N GLY A 162 4.54 1.17 0.28
CA GLY A 162 4.98 1.56 -1.05
C GLY A 162 4.41 2.88 -1.54
N SER A 163 3.55 3.53 -0.74
CA SER A 163 2.73 4.62 -1.23
C SER A 163 3.54 5.84 -1.64
N HIS A 164 4.75 5.99 -1.12
CA HIS A 164 5.57 7.12 -1.53
C HIS A 164 6.01 6.99 -2.98
N VAL A 165 5.91 5.80 -3.56
CA VAL A 165 6.18 5.62 -4.98
C VAL A 165 5.07 4.79 -5.63
N THR A 166 3.81 5.10 -5.35
CA THR A 166 2.71 4.58 -6.13
C THR A 166 1.76 5.73 -6.46
N PRO A 167 0.93 5.55 -7.48
CA PRO A 167 -0.16 6.52 -7.74
C PRO A 167 -1.40 6.38 -6.87
N TYR A 168 -1.49 5.36 -6.03
CA TYR A 168 -2.77 4.92 -5.51
C TYR A 168 -3.04 5.57 -4.15
N ALA A 169 -4.32 5.86 -3.93
CA ALA A 169 -4.87 6.19 -2.62
C ALA A 169 -5.92 5.12 -2.31
N VAL A 170 -5.94 4.66 -1.07
CA VAL A 170 -6.91 3.67 -0.62
C VAL A 170 -7.74 4.36 0.45
N ILE A 171 -9.01 4.60 0.14
CA ILE A 171 -9.89 5.43 0.93
C ILE A 171 -11.13 4.62 1.22
N THR A 172 -11.56 4.64 2.48
CA THR A 172 -12.76 3.92 2.90
C THR A 172 -13.92 4.88 2.90
N ASN A 173 -15.03 4.46 2.30
CA ASN A 173 -16.32 5.12 2.48
C ASN A 173 -17.03 4.48 3.66
N PRO A 174 -17.22 5.18 4.79
CA PRO A 174 -17.94 4.58 5.92
C PRO A 174 -19.38 4.24 5.62
N GLU A 175 -19.99 4.89 4.62
CA GLU A 175 -21.38 4.61 4.32
C GLU A 175 -21.55 3.23 3.69
N THR A 176 -20.68 2.90 2.73
CA THR A 176 -20.78 1.63 2.02
C THR A 176 -19.80 0.57 2.52
N LYS A 177 -18.79 1.00 3.30
CA LYS A 177 -17.66 0.19 3.77
C LYS A 177 -16.69 -0.17 2.66
N GLY A 178 -16.84 0.41 1.47
CA GLY A 178 -15.89 0.17 0.42
C GLY A 178 -14.52 0.71 0.80
N LYS A 179 -13.47 -0.02 0.38
CA LYS A 179 -12.09 0.43 0.55
C LYS A 179 -11.32 0.22 -0.74
N PRO A 180 -11.72 0.88 -1.81
CA PRO A 180 -11.01 0.72 -3.08
C PRO A 180 -9.72 1.53 -3.09
N GLY A 181 -8.89 1.19 -4.06
CA GLY A 181 -7.73 1.99 -4.42
C GLY A 181 -7.99 2.64 -5.78
N PHE A 182 -7.37 3.79 -5.99
CA PHE A 182 -7.53 4.54 -7.22
C PHE A 182 -6.39 5.54 -7.28
N GLY A 183 -6.14 6.02 -8.48
CA GLY A 183 -5.06 6.95 -8.73
C GLY A 183 -4.35 6.62 -10.04
N ASN A 184 -3.56 7.58 -10.52
CA ASN A 184 -2.77 7.38 -11.72
C ASN A 184 -1.55 8.29 -11.71
N LYS A 185 -1.03 8.59 -12.90
CA LYS A 185 0.24 9.31 -13.02
C LYS A 185 0.18 10.68 -12.35
N HIS A 186 -1.01 11.30 -12.33
CA HIS A 186 -1.19 12.64 -11.77
C HIS A 186 -1.27 12.67 -10.25
N SER A 187 -1.40 11.52 -9.60
CA SER A 187 -1.37 11.47 -8.15
C SER A 187 -0.14 10.75 -7.62
N PHE A 188 0.85 10.49 -8.49
CA PHE A 188 2.09 9.87 -8.04
C PHE A 188 2.97 10.97 -7.46
N PRO A 189 3.59 10.77 -6.30
CA PRO A 189 4.32 11.87 -5.65
C PRO A 189 5.45 12.43 -6.48
N LYS A 190 5.56 13.77 -6.48
CA LYS A 190 6.61 14.43 -7.26
C LYS A 190 7.97 14.15 -6.67
N VAL A 191 8.02 14.02 -5.34
CA VAL A 191 9.24 13.72 -4.62
C VAL A 191 8.88 12.79 -3.48
N SER A 192 9.71 11.78 -3.25
CA SER A 192 9.50 10.75 -2.26
C SER A 192 10.71 10.77 -1.34
N ILE A 193 10.49 10.98 -0.05
CA ILE A 193 11.57 11.02 0.94
C ILE A 193 11.45 9.81 1.85
N VAL A 194 12.54 9.06 1.95
CA VAL A 194 12.61 7.84 2.76
C VAL A 194 13.70 8.13 3.77
N ASP A 195 13.31 8.41 5.03
CA ASP A 195 14.25 8.81 6.08
C ASP A 195 14.36 7.67 7.09
N ILE A 196 15.53 7.03 7.11
CA ILE A 196 15.77 5.91 8.02
C ILE A 196 15.54 6.30 9.47
N ASP A 197 15.79 7.58 9.82
CA ASP A 197 15.60 8.00 11.20
C ASP A 197 14.14 8.01 11.61
N ILE A 198 13.23 8.18 10.67
CA ILE A 198 11.81 8.08 11.01
C ILE A 198 11.38 6.63 11.08
N LEU A 199 11.81 5.81 10.11
CA LEU A 199 11.35 4.43 10.01
C LEU A 199 11.86 3.58 11.16
N LYS A 200 13.06 3.86 11.66
CA LYS A 200 13.64 3.10 12.75
C LYS A 200 12.89 3.28 14.05
N GLU A 201 11.95 4.23 14.11
CA GLU A 201 11.08 4.40 15.27
C GLU A 201 9.82 3.55 15.20
N MET A 202 9.55 2.87 14.08
CA MET A 202 8.41 1.98 14.05
C MET A 202 8.54 0.97 15.19
N PRO A 203 7.51 0.80 16.02
CA PRO A 203 7.53 -0.29 16.99
C PRO A 203 7.62 -1.64 16.31
N PRO A 204 8.01 -2.70 17.06
CA PRO A 204 8.06 -4.06 16.52
C PRO A 204 6.82 -4.52 15.75
N ARG A 205 5.64 -4.30 16.33
CA ARG A 205 4.44 -4.85 15.70
C ARG A 205 4.09 -4.09 14.43
N LEU A 206 4.24 -2.76 14.44
CA LEU A 206 4.05 -1.98 13.24
C LEU A 206 5.08 -2.34 12.18
N THR A 207 6.33 -2.57 12.61
CA THR A 207 7.35 -3.08 11.69
C THR A 207 6.89 -4.37 11.00
N ALA A 208 6.35 -5.32 11.78
CA ALA A 208 5.98 -6.62 11.23
C ALA A 208 4.77 -6.52 10.30
N ILE A 209 3.76 -5.75 10.70
CA ILE A 209 2.57 -5.53 9.88
C ILE A 209 2.94 -4.88 8.54
N THR A 210 3.67 -3.77 8.60
CA THR A 210 4.00 -3.08 7.36
C THR A 210 5.04 -3.86 6.56
N GLY A 211 5.92 -4.58 7.24
CA GLY A 211 6.81 -5.50 6.53
C GLY A 211 6.06 -6.55 5.74
N TYR A 212 5.00 -7.11 6.32
CA TYR A 212 4.24 -8.12 5.60
C TYR A 212 3.47 -7.52 4.42
N ASP A 213 3.08 -6.25 4.52
CA ASP A 213 2.51 -5.53 3.38
C ASP A 213 3.51 -5.48 2.24
N VAL A 214 4.78 -5.16 2.53
CA VAL A 214 5.83 -5.19 1.52
C VAL A 214 5.84 -6.55 0.83
N PHE A 215 5.80 -7.61 1.64
CA PHE A 215 5.79 -8.95 1.06
C PHE A 215 4.53 -9.17 0.25
N SER A 216 3.38 -8.72 0.76
CA SER A 216 2.14 -9.01 0.05
C SER A 216 2.12 -8.37 -1.34
N HIS A 217 2.58 -7.13 -1.46
CA HIS A 217 2.64 -6.47 -2.77
C HIS A 217 3.48 -7.26 -3.76
N VAL A 218 4.74 -7.52 -3.41
CA VAL A 218 5.65 -8.08 -4.41
C VAL A 218 5.27 -9.51 -4.75
N SER A 219 4.81 -10.30 -3.78
CA SER A 219 4.41 -11.66 -4.15
C SER A 219 3.17 -11.66 -5.03
N GLU A 220 2.22 -10.74 -4.81
CA GLU A 220 1.08 -10.61 -5.72
C GLU A 220 1.48 -10.02 -7.07
N ASN A 221 2.36 -9.02 -7.06
CA ASN A 221 2.85 -8.43 -8.32
C ASN A 221 3.49 -9.46 -9.23
N LEU A 222 4.16 -10.45 -8.63
CA LEU A 222 4.86 -11.46 -9.40
C LEU A 222 3.91 -12.47 -10.01
N THR A 223 2.80 -12.73 -9.33
CA THR A 223 1.86 -13.74 -9.81
C THR A 223 0.65 -13.14 -10.52
N ALA A 224 0.58 -11.82 -10.65
CA ALA A 224 -0.51 -11.20 -11.40
C ALA A 224 -0.51 -11.73 -12.83
N LYS A 225 -1.71 -11.89 -13.40
CA LYS A 225 -1.86 -12.42 -14.75
C LYS A 225 -1.15 -11.55 -15.78
N GLY A 226 -0.57 -12.20 -16.77
CA GLY A 226 0.17 -11.53 -17.82
C GLY A 226 1.65 -11.45 -17.52
N ASP A 227 2.36 -10.92 -18.50
CA ASP A 227 3.78 -10.65 -18.39
C ASP A 227 3.98 -9.25 -17.78
N HIS A 228 4.93 -9.14 -16.85
CA HIS A 228 5.30 -7.86 -16.27
C HIS A 228 6.77 -7.89 -15.88
N PRO A 229 7.67 -8.07 -16.86
CA PRO A 229 9.09 -8.33 -16.53
C PRO A 229 9.79 -7.18 -15.83
N THR A 230 9.31 -5.94 -15.99
CA THR A 230 10.05 -4.83 -15.39
C THR A 230 9.83 -4.78 -13.88
N ALA A 231 8.69 -5.29 -13.40
CA ALA A 231 8.44 -5.36 -11.97
C ALA A 231 9.18 -6.51 -11.31
N ASP A 232 9.40 -7.62 -12.04
CA ASP A 232 9.77 -8.87 -11.40
C ASP A 232 11.10 -8.85 -10.64
N PRO A 233 12.21 -8.34 -11.19
CA PRO A 233 13.45 -8.35 -10.39
C PRO A 233 13.33 -7.57 -9.09
N LEU A 234 12.56 -6.48 -9.11
CA LEU A 234 12.33 -5.71 -7.90
C LEU A 234 11.49 -6.49 -6.91
N ALA A 235 10.44 -7.15 -7.41
CA ALA A 235 9.56 -7.93 -6.56
C ALA A 235 10.31 -9.09 -5.90
N ILE A 236 11.17 -9.75 -6.67
CA ILE A 236 11.95 -10.86 -6.14
C ILE A 236 12.93 -10.37 -5.08
N ARG A 237 13.70 -9.33 -5.42
CA ARG A 237 14.65 -8.78 -4.47
C ARG A 237 13.96 -8.36 -3.18
N ALA A 238 12.73 -7.85 -3.28
CA ALA A 238 12.00 -7.44 -2.09
C ALA A 238 11.71 -8.63 -1.19
N ILE A 239 11.22 -9.73 -1.78
CA ILE A 239 10.97 -10.92 -0.97
C ILE A 239 12.26 -11.42 -0.33
N GLU A 240 13.39 -11.34 -1.06
CA GLU A 240 14.66 -11.77 -0.50
C GLU A 240 15.09 -10.89 0.66
N TYR A 241 14.80 -9.59 0.58
CA TYR A 241 15.09 -8.69 1.69
C TYR A 241 14.12 -8.89 2.86
N VAL A 242 12.85 -9.20 2.58
CA VAL A 242 11.93 -9.51 3.68
C VAL A 242 12.41 -10.71 4.47
N THR A 243 12.79 -11.80 3.78
CA THR A 243 13.29 -13.02 4.40
C THR A 243 14.53 -12.75 5.23
N GLU A 244 15.43 -11.93 4.72
CA GLU A 244 16.72 -11.72 5.37
C GLU A 244 16.64 -10.71 6.52
N TYR A 245 15.77 -9.71 6.42
CA TYR A 245 15.89 -8.55 7.28
C TYR A 245 14.64 -8.17 8.06
N LEU A 246 13.45 -8.62 7.70
CA LEU A 246 12.26 -8.12 8.39
C LEU A 246 12.25 -8.55 9.85
N LEU A 247 12.55 -9.82 10.14
CA LEU A 247 12.55 -10.25 11.54
C LEU A 247 13.66 -9.56 12.32
N ARG A 248 14.80 -9.28 11.67
CA ARG A 248 15.84 -8.50 12.34
C ARG A 248 15.32 -7.12 12.74
N ALA A 249 14.61 -6.45 11.83
CA ALA A 249 14.03 -5.15 12.16
C ALA A 249 12.97 -5.26 13.25
N VAL A 250 12.14 -6.32 13.24
CA VAL A 250 11.13 -6.45 14.27
C VAL A 250 11.77 -6.68 15.63
N GLU A 251 12.87 -7.44 15.66
CA GLU A 251 13.46 -7.79 16.93
C GLU A 251 14.35 -6.68 17.46
N ASP A 252 15.06 -5.97 16.57
CA ASP A 252 15.87 -4.82 16.96
C ASP A 252 15.55 -3.68 16.01
N GLY A 253 14.67 -2.78 16.46
CA GLY A 253 14.32 -1.63 15.64
C GLY A 253 15.49 -0.74 15.32
N GLU A 254 16.55 -0.78 16.12
CA GLU A 254 17.74 0.01 15.86
C GLU A 254 18.74 -0.68 14.95
N ASP A 255 18.39 -1.85 14.40
CA ASP A 255 19.23 -2.54 13.42
C ASP A 255 19.12 -1.78 12.10
N ILE A 256 20.11 -0.92 11.83
CA ILE A 256 19.97 0.07 10.76
C ILE A 256 20.08 -0.60 9.39
N LYS A 257 20.96 -1.61 9.26
CA LYS A 257 21.01 -2.32 7.98
C LYS A 257 19.67 -2.98 7.67
N ALA A 258 19.04 -3.56 8.68
CA ALA A 258 17.74 -4.19 8.47
C ALA A 258 16.66 -3.16 8.12
N ARG A 259 16.71 -1.99 8.77
CA ARG A 259 15.78 -0.92 8.42
C ARG A 259 15.99 -0.43 7.01
N GLU A 260 17.27 -0.25 6.61
CA GLU A 260 17.56 0.23 5.26
C GLU A 260 17.04 -0.73 4.20
N LYS A 261 17.28 -2.04 4.40
CA LYS A 261 16.87 -3.04 3.42
C LYS A 261 15.35 -3.15 3.33
N MET A 262 14.67 -3.06 4.48
CA MET A 262 13.22 -3.04 4.45
C MET A 262 12.69 -1.80 3.74
N ALA A 263 13.33 -0.64 3.93
CA ALA A 263 12.91 0.57 3.22
C ALA A 263 13.26 0.49 1.73
N VAL A 264 14.41 -0.07 1.39
CA VAL A 264 14.66 -0.39 -0.01
C VAL A 264 13.60 -1.37 -0.52
N ALA A 265 13.27 -2.41 0.27
CA ALA A 265 12.29 -3.39 -0.19
C ALA A 265 10.92 -2.76 -0.37
N ASP A 266 10.50 -1.93 0.59
CA ASP A 266 9.27 -1.16 0.50
C ASP A 266 9.24 -0.26 -0.73
N THR A 267 10.39 0.30 -1.08
CA THR A 267 10.47 1.11 -2.30
C THR A 267 10.37 0.23 -3.55
N TYR A 268 11.01 -0.96 -3.54
CA TYR A 268 10.81 -1.88 -4.64
C TYR A 268 9.34 -2.21 -4.81
N ALA A 269 8.63 -2.41 -3.70
CA ALA A 269 7.23 -2.85 -3.75
C ALA A 269 6.32 -1.79 -4.33
N GLY A 270 6.57 -0.52 -4.03
CA GLY A 270 5.78 0.52 -4.64
C GLY A 270 5.99 0.60 -6.14
N LEU A 271 7.26 0.60 -6.57
CA LEU A 271 7.56 0.61 -7.99
C LEU A 271 6.93 -0.60 -8.68
N SER A 272 7.09 -1.77 -8.04
CA SER A 272 6.54 -3.01 -8.58
C SER A 272 5.02 -3.00 -8.58
N ASN A 273 4.39 -2.46 -7.53
CA ASN A 273 2.92 -2.42 -7.51
C ASN A 273 2.36 -1.40 -8.50
N THR A 274 3.12 -0.36 -8.82
CA THR A 274 2.70 0.53 -9.90
C THR A 274 2.71 -0.20 -11.24
N ILE A 275 3.82 -0.86 -11.56
CA ILE A 275 3.97 -1.51 -12.86
C ILE A 275 2.99 -2.66 -13.00
N SER A 276 3.01 -3.58 -12.03
CA SER A 276 2.16 -4.75 -12.05
C SER A 276 0.88 -4.39 -11.34
N GLY A 277 0.34 -5.30 -10.54
CA GLY A 277 -0.78 -4.96 -9.70
C GLY A 277 -0.98 -6.03 -8.65
N THR A 278 -1.77 -5.68 -7.64
CA THR A 278 -2.11 -6.70 -6.66
C THR A 278 -3.23 -7.59 -7.18
N THR A 279 -3.50 -8.68 -6.47
CA THR A 279 -4.50 -9.65 -6.92
C THR A 279 -5.48 -9.98 -5.80
N LEU A 280 -5.87 -11.25 -5.71
CA LEU A 280 -6.99 -11.61 -4.85
C LEU A 280 -6.72 -11.33 -3.38
N ARG A 281 -5.48 -11.46 -2.91
CA ARG A 281 -5.23 -11.22 -1.49
C ARG A 281 -5.61 -9.79 -1.11
N HIS A 282 -5.17 -8.81 -1.89
CA HIS A 282 -5.59 -7.45 -1.57
C HIS A 282 -7.09 -7.23 -1.80
N ALA A 283 -7.63 -7.82 -2.87
CA ALA A 283 -9.05 -7.63 -3.15
C ALA A 283 -9.93 -8.02 -1.96
N MET A 284 -9.60 -9.12 -1.27
CA MET A 284 -10.37 -9.53 -0.10
C MET A 284 -9.89 -8.90 1.20
N ALA A 285 -8.63 -8.47 1.26
CA ALA A 285 -8.15 -7.80 2.48
C ALA A 285 -8.78 -6.43 2.66
N HIS A 286 -9.02 -5.68 1.58
CA HIS A 286 -9.57 -4.33 1.77
C HIS A 286 -10.94 -4.36 2.38
N PRO A 287 -11.90 -5.19 1.93
CA PRO A 287 -13.20 -5.17 2.58
C PRO A 287 -13.13 -5.58 4.03
N ILE A 288 -12.03 -6.21 4.47
CA ILE A 288 -11.89 -6.50 5.89
C ILE A 288 -11.64 -5.21 6.66
N SER A 289 -10.73 -4.37 6.19
CA SER A 289 -10.53 -3.10 6.87
C SER A 289 -11.67 -2.12 6.61
N GLY A 290 -12.33 -2.24 5.47
CA GLY A 290 -13.57 -1.48 5.26
C GLY A 290 -14.63 -1.81 6.30
N TYR A 291 -14.89 -3.09 6.53
CA TYR A 291 -15.93 -3.42 7.50
C TYR A 291 -15.43 -3.42 8.93
N TYR A 292 -14.12 -3.53 9.15
CA TYR A 292 -13.54 -3.54 10.48
C TYR A 292 -12.37 -2.54 10.50
N PRO A 293 -12.67 -1.24 10.65
CA PRO A 293 -11.62 -0.23 10.45
C PRO A 293 -10.48 -0.27 11.46
N ASP A 294 -10.58 -1.00 12.56
CA ASP A 294 -9.44 -1.10 13.46
C ASP A 294 -8.56 -2.31 13.16
N ILE A 295 -8.89 -3.08 12.12
CA ILE A 295 -8.03 -4.18 11.64
C ILE A 295 -6.98 -3.60 10.70
N SER A 296 -5.71 -3.79 11.05
CA SER A 296 -4.61 -3.34 10.21
C SER A 296 -4.67 -3.99 8.84
N HIS A 297 -4.29 -3.22 7.82
CA HIS A 297 -4.26 -3.72 6.45
C HIS A 297 -3.34 -4.93 6.34
N GLY A 298 -2.15 -4.87 6.97
CA GLY A 298 -1.19 -5.96 6.87
C GLY A 298 -1.59 -7.20 7.65
N GLN A 299 -2.40 -7.05 8.70
CA GLN A 299 -2.91 -8.22 9.40
C GLN A 299 -4.09 -8.83 8.65
N ALA A 300 -4.97 -8.01 8.08
CA ALA A 300 -6.00 -8.52 7.18
C ALA A 300 -5.39 -9.33 6.04
N LEU A 301 -4.33 -8.80 5.41
CA LEU A 301 -3.63 -9.57 4.39
C LEU A 301 -3.12 -10.89 4.97
N ALA A 302 -2.49 -10.83 6.14
CA ALA A 302 -1.86 -12.03 6.69
C ALA A 302 -2.90 -13.12 6.95
N SER A 303 -4.05 -12.75 7.52
CA SER A 303 -5.01 -13.74 8.00
C SER A 303 -5.74 -14.48 6.88
N ILE A 304 -5.65 -14.01 5.64
CA ILE A 304 -6.30 -14.68 4.51
C ILE A 304 -5.29 -15.24 3.50
N SER A 305 -3.98 -15.07 3.76
CA SER A 305 -2.95 -15.37 2.76
C SER A 305 -2.86 -16.86 2.45
N VAL A 306 -2.82 -17.72 3.46
CA VAL A 306 -2.67 -19.16 3.22
C VAL A 306 -3.81 -19.74 2.38
N PRO A 307 -5.09 -19.48 2.72
CA PRO A 307 -6.15 -20.05 1.86
C PRO A 307 -6.13 -19.50 0.42
N ILE A 308 -5.73 -18.26 0.22
CA ILE A 308 -5.72 -17.69 -1.12
C ILE A 308 -4.55 -18.27 -1.94
N MET A 309 -3.33 -18.18 -1.42
CA MET A 309 -2.19 -18.80 -2.07
C MET A 309 -2.44 -20.28 -2.40
N GLU A 310 -3.11 -21.01 -1.51
CA GLU A 310 -3.44 -22.40 -1.80
C GLU A 310 -4.51 -22.50 -2.90
N HIS A 311 -5.41 -21.52 -3.01
CA HIS A 311 -6.42 -21.57 -4.06
C HIS A 311 -5.80 -21.26 -5.42
N ASN A 312 -4.91 -20.28 -5.46
CA ASN A 312 -4.24 -19.92 -6.71
C ASN A 312 -3.32 -21.04 -7.20
N ILE A 313 -2.60 -21.72 -6.30
CA ILE A 313 -1.76 -22.82 -6.73
C ILE A 313 -2.60 -23.98 -7.25
N GLU A 314 -3.71 -24.29 -6.57
CA GLU A 314 -4.50 -25.48 -6.92
C GLU A 314 -5.18 -25.32 -8.27
N ASN A 315 -5.66 -24.13 -8.61
CA ASN A 315 -6.30 -23.86 -9.90
C ASN A 315 -5.35 -23.23 -10.90
N GLY A 316 -4.05 -23.23 -10.63
CA GLY A 316 -3.08 -22.58 -11.48
C GLY A 316 -2.67 -23.43 -12.67
N ASP A 317 -1.61 -22.97 -13.33
CA ASP A 317 -0.95 -23.61 -14.45
C ASP A 317 0.55 -23.54 -14.22
N GLU A 318 1.31 -24.08 -15.18
CA GLU A 318 2.76 -24.14 -15.08
C GLU A 318 3.39 -22.76 -14.94
N LYS A 319 2.90 -21.77 -15.69
CA LYS A 319 3.45 -20.42 -15.61
C LYS A 319 3.22 -19.80 -14.23
N THR A 320 2.02 -19.98 -13.66
CA THR A 320 1.77 -19.46 -12.32
C THR A 320 2.60 -20.23 -11.29
N TRP A 321 2.69 -21.55 -11.45
CA TRP A 321 3.42 -22.35 -10.48
C TRP A 321 4.89 -21.97 -10.42
N GLU A 322 5.50 -21.74 -11.60
CA GLU A 322 6.88 -21.29 -11.64
C GLU A 322 7.08 -20.03 -10.82
N ARG A 323 6.17 -19.07 -10.94
CA ARG A 323 6.25 -17.83 -10.18
C ARG A 323 6.15 -18.10 -8.66
N TYR A 324 5.19 -18.92 -8.23
CA TYR A 324 5.13 -19.27 -6.81
C TYR A 324 6.38 -20.03 -6.37
N SER A 325 6.95 -20.86 -7.24
CA SER A 325 8.19 -21.54 -6.90
C SER A 325 9.33 -20.55 -6.67
N ARG A 326 9.41 -19.48 -7.48
CA ARG A 326 10.44 -18.46 -7.28
C ARG A 326 10.23 -17.70 -5.98
N ILE A 327 8.97 -17.50 -5.58
CA ILE A 327 8.68 -16.91 -4.28
C ILE A 327 9.18 -17.82 -3.17
N ALA A 328 9.03 -19.14 -3.34
CA ALA A 328 9.50 -20.07 -2.31
C ALA A 328 11.01 -20.04 -2.18
N VAL A 329 11.73 -19.99 -3.30
CA VAL A 329 13.18 -19.88 -3.23
C VAL A 329 13.59 -18.59 -2.52
N ALA A 330 12.92 -17.48 -2.87
CA ALA A 330 13.25 -16.20 -2.26
C ALA A 330 12.89 -16.16 -0.78
N LEU A 331 11.87 -16.92 -0.36
CA LEU A 331 11.50 -17.11 1.04
C LEU A 331 12.36 -18.14 1.75
N ASP A 332 13.39 -18.67 1.10
CA ASP A 332 14.28 -19.69 1.63
C ASP A 332 13.58 -21.00 1.96
N ALA A 333 12.36 -21.22 1.49
CA ALA A 333 11.67 -22.49 1.73
C ALA A 333 12.04 -23.56 0.71
N SER A 334 12.80 -23.20 -0.32
CA SER A 334 13.12 -24.13 -1.39
C SER A 334 14.45 -23.73 -2.00
N LYS A 335 15.06 -24.67 -2.72
CA LYS A 335 16.31 -24.41 -3.43
C LYS A 335 16.08 -24.32 -4.93
N PRO A 336 15.56 -25.35 -5.63
CA PRO A 336 15.38 -25.23 -7.08
C PRO A 336 14.04 -24.64 -7.48
N VAL A 337 14.07 -23.75 -8.48
CA VAL A 337 12.84 -23.28 -9.13
C VAL A 337 12.36 -24.34 -10.11
N ASP A 338 11.07 -24.64 -10.09
CA ASP A 338 10.47 -25.53 -11.08
C ASP A 338 9.05 -25.03 -11.34
N ASN A 339 8.41 -25.57 -12.36
CA ASN A 339 7.10 -25.07 -12.78
C ASN A 339 5.98 -26.07 -12.48
N THR A 340 6.08 -26.77 -11.37
CA THR A 340 5.09 -27.78 -11.01
C THR A 340 4.22 -27.35 -9.84
N ARG A 341 3.08 -28.03 -9.71
CA ARG A 341 2.19 -27.78 -8.57
C ARG A 341 2.94 -27.99 -7.25
N GLN A 342 3.81 -29.02 -7.21
CA GLN A 342 4.54 -29.36 -5.99
C GLN A 342 5.58 -28.30 -5.63
N ALA A 343 6.39 -27.87 -6.59
CA ALA A 343 7.34 -26.77 -6.33
C ALA A 343 6.60 -25.52 -5.89
N ALA A 344 5.48 -25.21 -6.52
CA ALA A 344 4.74 -24.00 -6.15
C ALA A 344 4.21 -24.09 -4.73
N SER A 345 3.84 -25.30 -4.30
CA SER A 345 3.31 -25.51 -2.95
C SER A 345 4.31 -25.15 -1.87
N LYS A 346 5.61 -25.21 -2.15
CA LYS A 346 6.55 -24.81 -1.12
C LYS A 346 6.50 -23.32 -0.80
N ALA A 347 5.93 -22.50 -1.68
CA ALA A 347 5.67 -21.11 -1.28
C ALA A 347 4.68 -21.05 -0.12
N VAL A 348 3.77 -22.02 -0.03
CA VAL A 348 2.83 -22.04 1.10
C VAL A 348 3.55 -22.37 2.39
N ASP A 349 4.52 -23.29 2.33
CA ASP A 349 5.37 -23.58 3.47
C ASP A 349 6.19 -22.36 3.88
N GLY A 350 6.77 -21.65 2.90
CA GLY A 350 7.58 -20.49 3.23
C GLY A 350 6.77 -19.34 3.81
N LEU A 351 5.59 -19.09 3.24
CA LEU A 351 4.64 -18.12 3.78
C LEU A 351 4.29 -18.38 5.25
N LYS A 352 4.00 -19.65 5.59
CA LYS A 352 3.61 -19.98 6.98
C LYS A 352 4.74 -19.71 7.96
N ASN A 353 5.98 -20.07 7.58
CA ASN A 353 7.15 -19.73 8.39
C ASN A 353 7.26 -18.22 8.59
N LEU A 354 7.16 -17.43 7.50
CA LEU A 354 7.22 -15.98 7.63
C LEU A 354 6.13 -15.49 8.56
N LEU A 355 4.90 -15.96 8.35
CA LEU A 355 3.78 -15.54 9.20
C LEU A 355 4.00 -15.96 10.64
N ARG A 356 4.64 -17.11 10.85
CA ARG A 356 4.88 -17.53 12.23
C ARG A 356 6.00 -16.71 12.87
N SER A 357 7.10 -16.50 12.17
CA SER A 357 8.20 -15.69 12.71
C SER A 357 7.75 -14.28 13.12
N LEU A 358 6.71 -13.73 12.47
CA LEU A 358 6.23 -12.40 12.79
C LEU A 358 4.94 -12.40 13.61
N ASP A 359 4.48 -13.57 14.07
CA ASP A 359 3.26 -13.66 14.89
C ASP A 359 2.08 -12.98 14.21
N LEU A 360 2.02 -13.11 12.88
CA LEU A 360 0.89 -12.65 12.07
C LEU A 360 -0.12 -13.75 11.76
N ASP A 361 0.21 -15.02 12.05
CA ASP A 361 -0.71 -16.14 11.79
C ASP A 361 -1.88 -16.14 12.78
N LYS A 362 -2.94 -15.41 12.45
CA LYS A 362 -4.16 -15.41 13.26
C LYS A 362 -5.36 -15.55 12.33
N PRO A 363 -6.30 -16.44 12.64
CA PRO A 363 -7.51 -16.51 11.83
C PRO A 363 -8.34 -15.25 11.99
N LEU A 364 -9.21 -15.01 10.99
CA LEU A 364 -10.05 -13.81 11.01
C LEU A 364 -10.90 -13.72 12.28
N SER A 365 -11.21 -14.87 12.91
CA SER A 365 -11.96 -14.84 14.18
C SER A 365 -11.19 -14.11 15.26
N GLU A 366 -9.88 -14.26 15.26
CA GLU A 366 -9.12 -13.69 16.34
C GLU A 366 -9.00 -12.18 16.22
N LEU A 367 -9.29 -11.63 15.06
CA LEU A 367 -9.29 -10.18 14.87
C LEU A 367 -10.64 -9.54 15.11
N GLY A 368 -11.71 -10.31 15.31
CA GLY A 368 -13.04 -9.76 15.49
C GLY A 368 -13.99 -9.95 14.32
N VAL A 369 -13.53 -10.50 13.19
CA VAL A 369 -14.38 -10.71 12.02
C VAL A 369 -15.36 -11.83 12.32
N GLU A 370 -16.61 -11.64 11.90
CA GLU A 370 -17.68 -12.59 12.17
C GLU A 370 -18.18 -13.17 10.85
N GLU A 371 -18.55 -14.46 10.90
CA GLU A 371 -19.00 -15.18 9.72
C GLU A 371 -20.18 -14.50 9.05
N GLU A 372 -21.00 -13.78 9.82
CA GLU A 372 -22.15 -13.10 9.26
C GLU A 372 -21.73 -12.09 8.20
N LYS A 373 -20.50 -11.60 8.24
CA LYS A 373 -20.07 -10.55 7.34
C LYS A 373 -19.48 -11.07 6.04
N ILE A 374 -19.56 -12.37 5.74
CA ILE A 374 -18.92 -12.91 4.54
C ILE A 374 -19.55 -12.35 3.26
N PRO A 375 -20.86 -12.52 3.02
CA PRO A 375 -21.42 -11.98 1.76
C PRO A 375 -21.25 -10.49 1.65
N GLU A 376 -21.23 -9.79 2.78
CA GLU A 376 -20.99 -8.35 2.73
C GLU A 376 -19.58 -8.06 2.22
N MET A 377 -18.58 -8.73 2.79
CA MET A 377 -17.21 -8.47 2.34
C MET A 377 -16.97 -8.98 0.93
N THR A 378 -17.61 -10.08 0.56
CA THR A 378 -17.44 -10.62 -0.77
C THR A 378 -17.92 -9.61 -1.82
N GLU A 379 -19.13 -9.09 -1.63
CA GLU A 379 -19.58 -8.02 -2.52
C GLU A 379 -18.67 -6.81 -2.45
N GLY A 380 -18.06 -6.57 -1.29
CA GLY A 380 -17.06 -5.51 -1.19
C GLY A 380 -15.87 -5.74 -2.10
N ALA A 381 -15.38 -6.98 -2.19
CA ALA A 381 -14.21 -7.24 -3.02
C ALA A 381 -14.52 -7.04 -4.50
N PHE A 382 -15.66 -7.52 -4.97
CA PHE A 382 -15.97 -7.37 -6.38
C PHE A 382 -16.35 -5.93 -6.73
N ILE A 383 -17.10 -5.23 -5.87
CA ILE A 383 -17.52 -3.87 -6.20
C ILE A 383 -16.34 -2.93 -6.21
N TYR A 384 -15.49 -3.00 -5.20
CA TYR A 384 -14.46 -1.97 -5.01
C TYR A 384 -13.06 -2.39 -5.41
N MET A 385 -12.80 -3.69 -5.56
CA MET A 385 -11.47 -4.21 -5.88
C MET A 385 -11.54 -5.11 -7.11
N GLY A 386 -12.34 -4.71 -8.10
CA GLY A 386 -12.54 -5.55 -9.26
C GLY A 386 -11.28 -5.74 -10.08
N GLY A 387 -10.39 -4.75 -10.07
CA GLY A 387 -9.14 -4.90 -10.79
C GLY A 387 -8.29 -6.04 -10.23
N GLY A 388 -8.30 -6.19 -8.90
CA GLY A 388 -7.51 -7.24 -8.29
C GLY A 388 -8.07 -8.63 -8.59
N ILE A 389 -9.38 -8.78 -8.53
CA ILE A 389 -9.96 -10.06 -8.91
C ILE A 389 -9.60 -10.39 -10.36
N GLU A 390 -9.68 -9.41 -11.26
CA GLU A 390 -9.37 -9.73 -12.65
C GLU A 390 -7.88 -9.96 -12.87
N ALA A 391 -7.02 -9.35 -12.06
CA ALA A 391 -5.58 -9.58 -12.15
C ALA A 391 -5.16 -10.93 -11.55
N ASN A 392 -6.01 -11.56 -10.75
CA ASN A 392 -5.66 -12.82 -10.12
C ASN A 392 -5.36 -13.87 -11.18
N PRO A 393 -4.32 -14.70 -10.97
CA PRO A 393 -3.95 -15.70 -12.00
C PRO A 393 -5.02 -16.75 -12.25
N VAL A 394 -5.94 -16.97 -11.33
CA VAL A 394 -7.03 -17.91 -11.56
C VAL A 394 -8.34 -17.17 -11.32
N ASP A 395 -9.39 -17.62 -12.00
CA ASP A 395 -10.68 -17.02 -11.70
C ASP A 395 -11.09 -17.31 -10.26
N VAL A 396 -11.89 -16.41 -9.71
CA VAL A 396 -12.65 -16.66 -8.49
C VAL A 396 -14.08 -16.21 -8.73
N SER A 397 -15.03 -17.09 -8.44
CA SER A 397 -16.43 -16.69 -8.46
C SER A 397 -16.78 -15.99 -7.15
N LYS A 398 -18.03 -15.51 -7.05
CA LYS A 398 -18.47 -14.88 -5.82
C LYS A 398 -18.42 -15.84 -4.64
N GLU A 399 -18.65 -17.14 -4.87
CA GLU A 399 -18.63 -18.05 -3.72
C GLU A 399 -17.26 -18.69 -3.52
N ASP A 400 -16.46 -18.79 -4.58
CA ASP A 400 -15.04 -19.01 -4.37
C ASP A 400 -14.51 -18.10 -3.25
N VAL A 401 -14.84 -16.81 -3.32
CA VAL A 401 -14.33 -15.83 -2.37
C VAL A 401 -14.97 -16.01 -0.99
N LYS A 402 -16.28 -16.33 -0.95
CA LYS A 402 -16.91 -16.61 0.33
C LYS A 402 -16.30 -17.84 1.00
N GLU A 403 -15.94 -18.85 0.20
CA GLU A 403 -15.32 -20.04 0.79
C GLU A 403 -13.95 -19.71 1.34
N ILE A 404 -13.22 -18.85 0.66
CA ILE A 404 -11.89 -18.48 1.12
C ILE A 404 -11.97 -17.77 2.46
N PHE A 405 -12.89 -16.81 2.57
CA PHE A 405 -13.14 -16.11 3.82
C PHE A 405 -13.40 -17.07 4.96
N ARG A 406 -14.19 -18.11 4.70
CA ARG A 406 -14.56 -19.01 5.78
C ARG A 406 -13.38 -19.88 6.21
N LYS A 407 -12.55 -20.34 5.26
CA LYS A 407 -11.37 -21.09 5.68
C LYS A 407 -10.39 -20.20 6.43
N SER A 408 -10.45 -18.88 6.21
CA SER A 408 -9.60 -17.97 6.97
C SER A 408 -10.16 -17.69 8.36
N LEU A 409 -11.43 -17.99 8.59
CA LEU A 409 -12.06 -17.75 9.88
C LEU A 409 -11.37 -18.53 10.98
MN MN B . -1.06 -3.57 0.80
O1X NZQ C . -1.60 7.65 14.30
P2B NZQ C . -0.26 8.15 13.81
O2X NZQ C . 0.14 9.42 14.53
O3X NZQ C . -0.40 8.46 12.35
O2B NZQ C . 0.89 6.96 14.00
C2B NZQ C . 0.88 5.80 13.05
C3B NZQ C . -0.44 4.97 13.17
O3B NZQ C . -0.94 5.05 14.40
C1B NZQ C . 1.80 4.94 13.35
N9A NZQ C . 3.05 5.17 12.65
C8A NZQ C . 3.38 5.34 11.35
N7A NZQ C . 4.70 5.50 11.28
C5A NZQ C . 5.19 5.40 12.53
C4A NZQ C . 4.18 5.20 13.39
N3A NZQ C . 4.43 5.08 14.69
C2A NZQ C . 5.71 5.16 15.13
N1A NZQ C . 6.73 5.36 14.27
C6A NZQ C . 6.47 5.48 12.97
N6A NZQ C . 7.74 5.69 12.25
O4B NZQ C . 1.25 3.48 12.79
C4B NZQ C . -0.04 3.50 12.84
C5B NZQ C . -0.58 3.17 11.42
O5B NZQ C . -0.27 4.20 10.52
PA NZQ C . -0.72 3.87 8.95
O1A NZQ C . -0.44 4.97 7.96
O2A NZQ C . -2.18 3.45 8.89
O3 NZQ C . 0.20 2.57 8.63
PN NZQ C . 0.48 2.00 7.11
O1N NZQ C . 1.69 2.72 6.66
O2N NZQ C . 0.68 0.49 7.13
O5D NZQ C . -0.74 2.39 6.10
C5D NZQ C . -1.86 1.57 5.99
C4D NZQ C . -2.70 2.23 4.89
O4D NZQ C . -2.09 2.21 3.71
C1D NZQ C . -3.16 1.59 2.71
C2D NZQ C . -3.74 0.62 3.44
O2D NZQ C . -5.03 0.20 2.88
C3D NZQ C . -3.98 1.35 4.75
O3D NZQ C . -5.07 2.13 4.68
N1N NZQ C . -2.46 1.08 1.55
C2N NZQ C . -1.80 1.96 0.65
C3N NZQ C . -1.37 1.49 -0.81
C7N NZQ C . -1.05 2.52 -1.89
N7N NZQ C . -1.56 3.88 -1.78
O7N NZQ C . -0.39 2.20 -2.83
C4N NZQ C . -1.49 0.15 -1.16
C5N NZQ C . -1.37 -0.77 0.15
O5N NZQ C . -1.38 -2.12 -0.34
C6N NZQ C . -2.38 -0.50 1.11
O6N NZQ C . -3.66 -0.92 0.71
#